data_7S83
#
_entry.id   7S83
#
_cell.length_a   51.052
_cell.length_b   62.791
_cell.length_c   147.858
_cell.angle_alpha   90.000
_cell.angle_beta   90.000
_cell.angle_gamma   90.000
#
_symmetry.space_group_name_H-M   'P 21 21 21'
#
loop_
_entity.id
_entity.type
_entity.pdbx_description
1 polymer 'ShAb02 VNAR'
2 polymer 'Spike protein S1'
3 polymer 'ShAb01 VNAR'
4 branched 2-acetamido-2-deoxy-beta-D-glucopyranose-(1-4)-2-acetamido-2-deoxy-beta-D-glucopyranose
5 non-polymer GLYCEROL
6 water water
#
loop_
_entity_poly.entity_id
_entity_poly.type
_entity_poly.pdbx_seq_one_letter_code
_entity_poly.pdbx_strand_id
1 'polypeptide(L)'
;ARVDQTPQTITKETGESLTINCVLRDSNCALASTDWYRKKSGSTNEESISKGGRYVETVNSGSKSFSLRINDLTVEDSGT
YRCNAWDSWETRQLKCDYDVYGGGTVVTVNGPLEVLFQGPHHHHHHHH
;
B
2 'polypeptide(L)'
;NITNLCPFGEVFNATRFASVYAWNRKRISNCVADYSVLYNSASFSTFKCYGVSPTKLNDLCFTNVYADSFVIRGDEVRQI
APGQTGKIADYNYKLPDDFTGCVIAWNSNNLDSKVGGNYNYLYRLFRKSNLKPFERDISTEIYQAGSTPCNGVEGFNCYF
PLQSYGFQPTNGVGYQPYRVVVLSFELLHAPATVCGPGSHHHHHH
;
C
3 'polypeptide(L)'
;ARVDQTPRSVTKETGESLTINCVLRDSNCALSSTHWYRKKSGSTNEERILQGRRYVETVNSGSKSFSLRINDLRVEDSGT
YRCKVYWGNSWQDKFCPGLGSYEYGDGTAVTVNGPLEVLFQGPHHHHHHHH
;
A
#
# COMPACT_ATOMS: atom_id res chain seq x y z
N ALA A 1 -25.64 0.90 5.80
CA ALA A 1 -24.97 1.52 6.94
C ALA A 1 -25.15 0.69 8.21
N ARG A 2 -25.44 -0.59 8.01
CA ARG A 2 -25.45 -1.57 9.10
C ARG A 2 -25.44 -2.97 8.50
N VAL A 3 -24.63 -3.84 9.11
CA VAL A 3 -24.53 -5.24 8.70
C VAL A 3 -25.24 -6.11 9.73
N ASP A 4 -26.00 -7.09 9.26
CA ASP A 4 -26.74 -8.00 10.12
C ASP A 4 -25.94 -9.28 10.28
N GLN A 5 -25.67 -9.66 11.53
CA GLN A 5 -24.85 -10.82 11.85
C GLN A 5 -25.73 -11.94 12.40
N THR A 6 -25.58 -13.14 11.82
CA THR A 6 -26.33 -14.31 12.23
C THR A 6 -25.39 -15.51 12.25
N PRO A 7 -25.56 -16.45 13.19
CA PRO A 7 -26.56 -16.36 14.27
C PRO A 7 -26.03 -15.60 15.48
N GLN A 8 -26.81 -15.58 16.57
CA GLN A 8 -26.42 -14.86 17.76
C GLN A 8 -25.67 -15.73 18.76
N THR A 9 -26.00 -17.01 18.85
CA THR A 9 -25.34 -17.92 19.79
C THR A 9 -25.36 -19.32 19.22
N ILE A 10 -24.17 -19.87 18.98
CA ILE A 10 -24.03 -21.26 18.55
C ILE A 10 -23.02 -21.95 19.46
N THR A 11 -23.24 -23.25 19.68
CA THR A 11 -22.36 -24.05 20.51
C THR A 11 -21.91 -25.28 19.72
N LYS A 12 -20.62 -25.58 19.79
CA LYS A 12 -20.04 -26.75 19.13
C LYS A 12 -19.15 -27.48 20.12
N GLU A 13 -18.60 -28.61 19.67
CA GLU A 13 -17.60 -29.35 20.42
C GLU A 13 -16.24 -29.19 19.75
N THR A 14 -15.20 -29.66 20.43
CA THR A 14 -13.88 -29.73 19.82
C THR A 14 -13.96 -30.53 18.53
N GLY A 15 -13.09 -30.21 17.58
CA GLY A 15 -13.28 -30.81 16.27
C GLY A 15 -14.02 -29.92 15.30
N GLU A 16 -15.36 -30.03 15.30
CA GLU A 16 -16.22 -29.60 14.20
C GLU A 16 -16.12 -28.12 13.84
N SER A 17 -16.84 -27.74 12.79
CA SER A 17 -16.77 -26.40 12.21
C SER A 17 -17.89 -25.51 12.73
N LEU A 18 -17.81 -24.23 12.34
CA LEU A 18 -18.88 -23.27 12.55
C LEU A 18 -18.74 -22.17 11.53
N THR A 19 -19.86 -21.52 11.21
CA THR A 19 -19.89 -20.47 10.20
C THR A 19 -20.78 -19.33 10.67
N ILE A 20 -20.22 -18.11 10.64
CA ILE A 20 -20.95 -16.90 10.99
C ILE A 20 -21.15 -16.11 9.70
N ASN A 21 -22.40 -15.82 9.37
CA ASN A 21 -22.76 -15.12 8.14
C ASN A 21 -23.09 -13.66 8.46
N CYS A 22 -22.89 -12.80 7.46
CA CYS A 22 -23.10 -11.37 7.64
C CYS A 22 -23.52 -10.74 6.31
N VAL A 23 -24.58 -9.94 6.35
CA VAL A 23 -25.14 -9.29 5.17
C VAL A 23 -25.20 -7.79 5.42
N LEU A 24 -24.62 -7.01 4.50
CA LEU A 24 -24.69 -5.56 4.58
C LEU A 24 -25.97 -5.07 3.90
N ARG A 25 -26.76 -4.29 4.64
CA ARG A 25 -28.04 -3.81 4.15
C ARG A 25 -28.17 -2.31 4.41
N ASP A 26 -29.24 -1.73 3.87
CA ASP A 26 -29.56 -0.31 4.03
C ASP A 26 -28.39 0.56 3.60
N SER A 27 -27.96 0.37 2.35
CA SER A 27 -26.85 1.11 1.78
C SER A 27 -26.95 1.06 0.27
N ASN A 28 -26.41 2.08 -0.39
CA ASN A 28 -26.37 2.15 -1.84
C ASN A 28 -25.01 1.76 -2.40
N CYS A 29 -24.00 1.56 -1.56
CA CYS A 29 -22.67 1.19 -1.99
C CYS A 29 -22.47 -0.31 -1.89
N ALA A 30 -21.48 -0.80 -2.64
CA ALA A 30 -21.14 -2.21 -2.65
C ALA A 30 -20.33 -2.58 -1.39
N LEU A 31 -20.15 -3.88 -1.22
CA LEU A 31 -19.40 -4.43 -0.08
C LEU A 31 -17.93 -4.50 -0.49
N ALA A 32 -17.13 -3.57 0.03
CA ALA A 32 -15.75 -3.41 -0.40
C ALA A 32 -14.75 -4.16 0.49
N SER A 33 -14.64 -3.76 1.77
CA SER A 33 -13.62 -4.32 2.65
C SER A 33 -14.26 -4.74 3.97
N THR A 34 -13.66 -5.74 4.59
CA THR A 34 -14.26 -6.38 5.75
C THR A 34 -13.20 -6.77 6.76
N ASP A 35 -13.66 -7.04 7.98
CA ASP A 35 -12.79 -7.53 9.05
C ASP A 35 -13.63 -8.32 10.05
N TRP A 36 -12.96 -9.19 10.79
CA TRP A 36 -13.59 -10.00 11.83
C TRP A 36 -12.83 -9.82 13.13
N TYR A 37 -13.56 -9.49 14.19
CA TYR A 37 -12.97 -9.24 15.49
C TYR A 37 -13.47 -10.28 16.48
N ARG A 38 -12.57 -10.76 17.33
CA ARG A 38 -12.86 -11.79 18.31
C ARG A 38 -12.51 -11.29 19.71
N LYS A 39 -13.45 -11.48 20.64
CA LYS A 39 -13.21 -11.23 22.06
C LYS A 39 -13.17 -12.57 22.78
N LYS A 40 -12.02 -12.90 23.35
CA LYS A 40 -11.88 -14.16 24.06
C LYS A 40 -12.85 -14.18 25.25
N SER A 41 -13.09 -15.39 25.77
CA SER A 41 -14.16 -15.60 26.74
C SER A 41 -13.99 -14.70 27.96
N GLY A 42 -12.92 -14.90 28.73
CA GLY A 42 -12.68 -14.06 29.89
C GLY A 42 -11.77 -12.89 29.59
N SER A 43 -12.03 -12.19 28.48
CA SER A 43 -11.21 -11.08 28.05
C SER A 43 -12.02 -9.80 28.02
N THR A 44 -11.33 -8.68 27.78
CA THR A 44 -11.97 -7.36 27.78
C THR A 44 -11.73 -6.59 26.50
N ASN A 45 -10.99 -7.12 25.54
CA ASN A 45 -10.71 -6.44 24.28
C ASN A 45 -10.96 -7.39 23.12
N GLU A 46 -11.05 -6.81 21.92
CA GLU A 46 -11.28 -7.55 20.70
C GLU A 46 -10.01 -7.59 19.87
N GLU A 47 -9.71 -8.74 19.29
CA GLU A 47 -8.52 -8.94 18.48
C GLU A 47 -8.90 -9.10 17.01
N SER A 48 -8.12 -8.47 16.14
CA SER A 48 -8.33 -8.61 14.71
C SER A 48 -7.94 -10.01 14.25
N ILE A 49 -8.87 -10.69 13.58
CA ILE A 49 -8.64 -12.06 13.14
C ILE A 49 -7.82 -12.06 11.86
N SER A 50 -6.81 -12.93 11.80
CA SER A 50 -5.98 -13.08 10.61
C SER A 50 -6.60 -14.15 9.71
N LYS A 51 -6.96 -13.76 8.49
CA LYS A 51 -7.65 -14.66 7.58
C LYS A 51 -6.65 -15.51 6.80
N GLY A 52 -7.16 -16.61 6.24
CA GLY A 52 -6.40 -17.43 5.31
C GLY A 52 -5.95 -18.78 5.82
N GLY A 53 -6.02 -19.03 7.12
CA GLY A 53 -5.59 -20.31 7.65
C GLY A 53 -6.73 -21.12 8.23
N ARG A 54 -6.84 -21.15 9.56
CA ARG A 54 -8.01 -21.76 10.19
C ARG A 54 -9.26 -20.95 9.93
N TYR A 55 -9.12 -19.62 9.86
CA TYR A 55 -10.24 -18.71 9.66
C TYR A 55 -10.40 -18.45 8.17
N VAL A 56 -11.48 -18.96 7.58
CA VAL A 56 -11.74 -18.85 6.16
C VAL A 56 -12.90 -17.87 5.96
N GLU A 57 -12.64 -16.80 5.21
CA GLU A 57 -13.65 -15.80 4.90
C GLU A 57 -14.10 -15.96 3.46
N THR A 58 -15.40 -16.05 3.24
CA THR A 58 -16.00 -16.07 1.92
C THR A 58 -16.78 -14.78 1.71
N VAL A 59 -16.50 -14.08 0.61
CA VAL A 59 -17.12 -12.80 0.31
C VAL A 59 -17.91 -12.93 -0.97
N ASN A 60 -19.21 -12.64 -0.91
CA ASN A 60 -20.08 -12.60 -2.07
C ASN A 60 -20.55 -11.17 -2.29
N SER A 61 -20.07 -10.55 -3.36
CA SER A 61 -20.39 -9.16 -3.64
C SER A 61 -21.81 -8.98 -4.17
N GLY A 62 -22.32 -9.97 -4.92
CA GLY A 62 -23.64 -9.82 -5.49
C GLY A 62 -24.74 -9.77 -4.45
N SER A 63 -24.63 -10.59 -3.41
CA SER A 63 -25.60 -10.61 -2.33
C SER A 63 -25.21 -9.70 -1.17
N LYS A 64 -24.14 -8.90 -1.34
CA LYS A 64 -23.64 -8.02 -0.28
C LYS A 64 -23.47 -8.78 1.03
N SER A 65 -22.92 -9.99 0.94
CA SER A 65 -22.81 -10.89 2.07
C SER A 65 -21.37 -11.38 2.19
N PHE A 66 -21.01 -11.79 3.40
CA PHE A 66 -19.69 -12.33 3.67
C PHE A 66 -19.76 -13.16 4.95
N SER A 67 -19.08 -14.31 4.94
CA SER A 67 -19.14 -15.25 6.05
C SER A 67 -17.74 -15.61 6.50
N LEU A 68 -17.65 -16.13 7.73
CA LEU A 68 -16.40 -16.61 8.31
C LEU A 68 -16.61 -18.03 8.80
N ARG A 69 -15.77 -18.96 8.33
CA ARG A 69 -15.82 -20.34 8.77
C ARG A 69 -14.56 -20.66 9.58
N ILE A 70 -14.75 -21.27 10.74
CA ILE A 70 -13.65 -21.64 11.62
C ILE A 70 -13.69 -23.15 11.83
N ASN A 71 -12.52 -23.78 11.75
CA ASN A 71 -12.37 -25.22 11.89
C ASN A 71 -11.43 -25.52 13.06
N ASP A 72 -11.25 -26.82 13.33
CA ASP A 72 -10.34 -27.30 14.37
C ASP A 72 -10.59 -26.58 15.70
N LEU A 73 -11.84 -26.59 16.14
CA LEU A 73 -12.24 -25.81 17.31
C LEU A 73 -11.58 -26.35 18.57
N THR A 74 -10.82 -25.48 19.24
CA THR A 74 -10.24 -25.75 20.55
C THR A 74 -11.03 -24.99 21.60
N VAL A 75 -10.82 -25.37 22.87
CA VAL A 75 -11.54 -24.73 23.97
C VAL A 75 -11.19 -23.25 24.06
N GLU A 76 -10.05 -22.83 23.49
CA GLU A 76 -9.68 -21.42 23.46
C GLU A 76 -10.46 -20.62 22.44
N ASP A 77 -11.36 -21.25 21.68
CA ASP A 77 -12.19 -20.54 20.71
C ASP A 77 -13.44 -19.93 21.34
N SER A 78 -13.71 -20.22 22.61
CA SER A 78 -14.90 -19.68 23.27
C SER A 78 -14.79 -18.16 23.38
N GLY A 79 -15.80 -17.46 22.87
CA GLY A 79 -15.80 -16.01 22.93
C GLY A 79 -16.90 -15.44 22.05
N THR A 80 -16.74 -14.17 21.71
CA THR A 80 -17.69 -13.46 20.87
C THR A 80 -16.97 -12.97 19.62
N TYR A 81 -17.67 -13.03 18.48
CA TYR A 81 -17.13 -12.60 17.20
C TYR A 81 -18.03 -11.53 16.60
N ARG A 82 -17.43 -10.58 15.89
CA ARG A 82 -18.15 -9.49 15.26
C ARG A 82 -17.68 -9.29 13.83
N CYS A 83 -18.61 -8.95 12.95
CA CYS A 83 -18.28 -8.53 11.61
C CYS A 83 -17.83 -7.08 11.60
N ASN A 84 -17.28 -6.65 10.47
CA ASN A 84 -16.98 -5.24 10.25
C ASN A 84 -16.91 -5.00 8.75
N ALA A 85 -17.86 -4.23 8.23
CA ALA A 85 -17.84 -3.79 6.85
C ALA A 85 -17.52 -2.30 6.82
N TRP A 86 -16.49 -1.94 6.05
CA TRP A 86 -16.09 -0.54 5.98
C TRP A 86 -15.57 -0.23 4.58
N ASP A 87 -15.67 1.04 4.20
CA ASP A 87 -15.19 1.51 2.91
C ASP A 87 -15.12 3.03 2.94
N SER A 88 -14.19 3.58 2.16
CA SER A 88 -14.07 5.02 1.95
C SER A 88 -13.93 5.26 0.46
N TRP A 89 -15.06 5.41 -0.23
CA TRP A 89 -15.09 5.66 -1.66
C TRP A 89 -16.09 6.78 -1.94
N GLU A 90 -15.75 7.64 -2.90
CA GLU A 90 -16.53 8.84 -3.15
C GLU A 90 -16.55 9.13 -4.64
N THR A 91 -17.73 9.36 -5.19
CA THR A 91 -17.87 9.74 -6.60
C THR A 91 -18.84 10.90 -6.73
N ARG A 92 -19.26 11.21 -7.96
CA ARG A 92 -20.06 12.41 -8.21
C ARG A 92 -21.30 12.48 -7.32
N GLN A 93 -22.02 11.37 -7.17
CA GLN A 93 -23.21 11.32 -6.35
C GLN A 93 -23.17 10.26 -5.27
N LEU A 94 -22.61 9.09 -5.58
CA LEU A 94 -22.57 7.98 -4.63
C LEU A 94 -21.39 8.15 -3.69
N LYS A 95 -21.67 8.34 -2.41
CA LYS A 95 -20.65 8.47 -1.38
C LYS A 95 -20.90 7.44 -0.30
N CYS A 96 -19.84 6.82 0.21
CA CYS A 96 -19.96 5.89 1.33
C CYS A 96 -18.65 5.90 2.11
N ASP A 97 -18.65 6.60 3.24
CA ASP A 97 -17.59 6.48 4.25
C ASP A 97 -18.28 5.90 5.48
N TYR A 98 -18.40 4.57 5.50
CA TYR A 98 -19.10 3.86 6.55
C TYR A 98 -18.16 2.87 7.23
N ASP A 99 -18.44 2.61 8.50
CA ASP A 99 -17.66 1.66 9.30
C ASP A 99 -18.62 1.05 10.31
N VAL A 100 -19.19 -0.10 9.96
CA VAL A 100 -20.30 -0.68 10.71
C VAL A 100 -19.89 -2.05 11.24
N TYR A 101 -20.54 -2.45 12.33
CA TYR A 101 -20.22 -3.70 13.01
C TYR A 101 -21.48 -4.53 13.18
N GLY A 102 -21.28 -5.83 13.42
CA GLY A 102 -22.39 -6.75 13.56
C GLY A 102 -22.87 -6.86 15.00
N GLY A 103 -24.02 -7.52 15.15
CA GLY A 103 -24.61 -7.69 16.47
C GLY A 103 -23.79 -8.58 17.38
N GLY A 104 -23.04 -9.51 16.82
CA GLY A 104 -22.20 -10.38 17.61
C GLY A 104 -22.67 -11.82 17.58
N THR A 105 -21.74 -12.74 17.79
CA THR A 105 -22.04 -14.16 17.83
C THR A 105 -21.25 -14.78 18.97
N VAL A 106 -21.93 -15.13 20.05
CA VAL A 106 -21.30 -15.75 21.21
C VAL A 106 -21.20 -17.24 20.94
N VAL A 107 -19.98 -17.75 20.82
CA VAL A 107 -19.76 -19.17 20.58
C VAL A 107 -19.28 -19.82 21.87
N THR A 108 -19.65 -21.07 22.06
CA THR A 108 -19.25 -21.86 23.22
C THR A 108 -18.81 -23.23 22.74
N VAL A 109 -17.51 -23.48 22.75
CA VAL A 109 -16.94 -24.76 22.37
C VAL A 109 -16.65 -25.56 23.64
N ASN A 110 -17.11 -26.81 23.68
CA ASN A 110 -16.97 -27.65 24.85
C ASN A 110 -15.64 -28.40 24.83
N GLY A 111 -15.23 -28.87 26.01
CA GLY A 111 -13.97 -29.56 26.15
C GLY A 111 -14.03 -31.00 25.67
N PRO A 112 -12.84 -31.63 25.58
CA PRO A 112 -12.69 -33.02 25.12
C PRO A 112 -13.20 -34.04 26.13
N THR B 3 -8.71 30.12 4.38
CA THR B 3 -9.53 29.02 4.87
C THR B 3 -8.72 28.14 5.83
N ASN B 4 -9.04 26.86 5.87
CA ASN B 4 -8.40 25.91 6.79
C ASN B 4 -7.56 24.91 6.02
N LEU B 5 -6.69 24.22 6.75
CA LEU B 5 -5.78 23.26 6.13
C LEU B 5 -6.52 22.01 5.70
N CYS B 6 -6.05 21.42 4.60
CA CYS B 6 -6.67 20.21 4.09
C CYS B 6 -6.32 19.02 4.98
N PRO B 7 -7.29 18.14 5.28
CA PRO B 7 -7.05 17.01 6.20
C PRO B 7 -6.31 15.85 5.54
N PHE B 8 -5.06 16.11 5.14
CA PHE B 8 -4.23 15.05 4.57
C PHE B 8 -3.93 13.96 5.60
N GLY B 9 -3.91 14.32 6.89
CA GLY B 9 -3.56 13.35 7.91
C GLY B 9 -4.53 12.18 8.00
N GLU B 10 -5.82 12.46 7.89
CA GLU B 10 -6.80 11.39 8.00
C GLU B 10 -6.73 10.39 6.85
N VAL B 11 -5.94 10.68 5.81
CA VAL B 11 -5.67 9.73 4.73
C VAL B 11 -4.31 9.07 4.90
N PHE B 12 -3.27 9.88 5.09
CA PHE B 12 -1.92 9.34 5.26
C PHE B 12 -1.80 8.54 6.56
N ASN B 13 -2.42 9.02 7.64
CA ASN B 13 -2.27 8.42 8.95
C ASN B 13 -3.48 7.59 9.36
N ALA B 14 -4.29 7.16 8.39
CA ALA B 14 -5.41 6.28 8.72
C ALA B 14 -4.90 5.02 9.42
N THR B 15 -5.63 4.59 10.44
CA THR B 15 -5.21 3.43 11.21
C THR B 15 -5.11 2.18 10.34
N ARG B 16 -6.09 1.99 9.46
CA ARG B 16 -6.12 0.83 8.59
C ARG B 16 -6.22 1.27 7.13
N PHE B 17 -5.50 0.56 6.26
CA PHE B 17 -5.55 0.77 4.83
C PHE B 17 -6.31 -0.38 4.17
N ALA B 18 -6.75 -0.14 2.94
CA ALA B 18 -7.53 -1.11 2.19
C ALA B 18 -6.64 -1.90 1.24
N SER B 19 -7.13 -3.07 0.85
CA SER B 19 -6.47 -3.82 -0.22
C SER B 19 -6.59 -3.06 -1.53
N VAL B 20 -5.56 -3.21 -2.37
CA VAL B 20 -5.48 -2.42 -3.60
C VAL B 20 -6.70 -2.62 -4.49
N TYR B 21 -7.29 -3.82 -4.49
CA TYR B 21 -8.48 -4.03 -5.30
C TYR B 21 -9.68 -3.25 -4.77
N ALA B 22 -9.68 -2.89 -3.49
CA ALA B 22 -10.75 -2.10 -2.89
C ALA B 22 -10.20 -0.77 -2.40
N TRP B 23 -9.35 -0.13 -3.22
CA TRP B 23 -8.66 1.08 -2.80
C TRP B 23 -9.64 2.17 -2.37
N ASN B 24 -9.19 3.00 -1.45
CA ASN B 24 -10.02 4.07 -0.90
C ASN B 24 -9.88 5.34 -1.72
N ARG B 25 -10.87 6.22 -1.56
CA ARG B 25 -10.87 7.52 -2.25
C ARG B 25 -11.60 8.53 -1.38
N LYS B 26 -10.90 9.61 -1.03
CA LYS B 26 -11.49 10.71 -0.28
C LYS B 26 -11.30 12.00 -1.06
N ARG B 27 -12.37 12.77 -1.21
CA ARG B 27 -12.29 14.05 -1.90
C ARG B 27 -11.73 15.11 -0.97
N ILE B 28 -10.77 15.89 -1.47
CA ILE B 28 -10.24 17.04 -0.76
C ILE B 28 -10.83 18.29 -1.40
N SER B 29 -11.45 19.15 -0.57
CA SER B 29 -12.21 20.25 -1.12
C SER B 29 -12.31 21.36 -0.08
N ASN B 30 -12.32 22.61 -0.57
CA ASN B 30 -12.57 23.80 0.23
C ASN B 30 -11.59 23.90 1.41
N CYS B 31 -10.32 23.96 1.07
CA CYS B 31 -9.27 23.98 2.08
C CYS B 31 -7.97 24.46 1.45
N VAL B 32 -7.03 24.82 2.32
CA VAL B 32 -5.67 25.20 1.92
C VAL B 32 -4.78 23.98 2.06
N ALA B 33 -4.03 23.67 1.01
CA ALA B 33 -3.24 22.45 0.96
C ALA B 33 -1.75 22.80 1.08
N ASP B 34 -1.13 22.31 2.14
CA ASP B 34 0.30 22.47 2.36
C ASP B 34 1.00 21.19 1.90
N TYR B 35 1.71 21.28 0.77
CA TYR B 35 2.35 20.12 0.16
C TYR B 35 3.82 19.95 0.56
N SER B 36 4.53 21.05 0.79
CA SER B 36 5.94 20.95 1.16
C SER B 36 6.14 20.27 2.51
N VAL B 37 5.09 20.19 3.33
CA VAL B 37 5.16 19.37 4.54
C VAL B 37 5.30 17.90 4.18
N LEU B 38 4.56 17.46 3.16
CA LEU B 38 4.72 16.09 2.67
C LEU B 38 6.03 15.94 1.91
N TYR B 39 6.33 16.89 1.02
CA TYR B 39 7.48 16.75 0.13
C TYR B 39 8.80 16.78 0.90
N ASN B 40 8.97 17.77 1.78
CA ASN B 40 10.20 17.90 2.55
C ASN B 40 10.18 16.98 3.77
N SER B 41 9.95 15.69 3.54
CA SER B 41 9.86 14.70 4.61
C SER B 41 10.82 13.56 4.32
N ALA B 42 11.16 12.83 5.39
CA ALA B 42 12.02 11.66 5.30
C ALA B 42 11.26 10.36 5.48
N SER B 43 9.93 10.40 5.51
CA SER B 43 9.12 9.21 5.74
C SER B 43 8.65 8.55 4.46
N PHE B 44 8.80 9.19 3.31
CA PHE B 44 8.26 8.69 2.05
C PHE B 44 9.36 8.10 1.19
N SER B 45 9.13 6.87 0.71
CA SER B 45 10.10 6.20 -0.14
C SER B 45 10.03 6.68 -1.58
N THR B 46 8.82 6.98 -2.05
CA THR B 46 8.59 7.47 -3.40
C THR B 46 7.71 8.70 -3.33
N PHE B 47 8.14 9.77 -3.99
CA PHE B 47 7.33 10.98 -4.15
C PHE B 47 7.51 11.41 -5.61
N LYS B 48 6.64 10.91 -6.48
CA LYS B 48 6.70 11.20 -7.91
C LYS B 48 5.43 11.90 -8.33
N CYS B 49 5.56 13.10 -8.88
CA CYS B 49 4.43 13.84 -9.41
C CYS B 49 4.51 13.89 -10.93
N TYR B 50 3.35 13.97 -11.58
CA TYR B 50 3.26 13.95 -13.03
C TYR B 50 2.42 15.13 -13.49
N GLY B 51 2.87 15.77 -14.57
CA GLY B 51 2.22 16.96 -15.06
C GLY B 51 2.41 18.19 -14.21
N VAL B 52 3.15 18.09 -13.10
CA VAL B 52 3.38 19.21 -12.20
C VAL B 52 4.58 18.87 -11.33
N SER B 53 5.44 19.85 -11.10
CA SER B 53 6.59 19.66 -10.25
C SER B 53 6.18 19.77 -8.78
N PRO B 54 6.68 18.88 -7.92
CA PRO B 54 6.35 19.01 -6.49
C PRO B 54 6.86 20.29 -5.87
N THR B 55 7.90 20.90 -6.45
CA THR B 55 8.43 22.16 -5.93
C THR B 55 7.52 23.34 -6.23
N LYS B 56 6.46 23.15 -7.01
CA LYS B 56 5.54 24.23 -7.37
C LYS B 56 4.12 23.96 -6.86
N LEU B 57 3.92 22.93 -6.04
CA LEU B 57 2.57 22.55 -5.64
C LEU B 57 1.91 23.60 -4.77
N ASN B 58 2.68 24.24 -3.88
CA ASN B 58 2.10 25.23 -2.97
C ASN B 58 1.70 26.52 -3.67
N ASP B 59 2.02 26.69 -4.94
CA ASP B 59 1.68 27.88 -5.70
C ASP B 59 0.53 27.66 -6.68
N LEU B 60 -0.12 26.49 -6.62
CA LEU B 60 -1.13 26.12 -7.60
C LEU B 60 -2.45 25.78 -6.92
N CYS B 61 -3.53 26.11 -7.60
CA CYS B 61 -4.89 25.78 -7.18
C CYS B 61 -5.46 24.72 -8.10
N PHE B 62 -6.52 24.04 -7.63
CA PHE B 62 -7.11 22.95 -8.38
C PHE B 62 -8.62 22.93 -8.20
N THR B 63 -9.33 22.55 -9.27
CA THR B 63 -10.78 22.49 -9.23
C THR B 63 -11.26 21.32 -8.38
N ASN B 64 -10.47 20.26 -8.27
CA ASN B 64 -10.82 19.11 -7.44
C ASN B 64 -9.56 18.29 -7.20
N VAL B 65 -9.45 17.75 -5.99
CA VAL B 65 -8.32 16.90 -5.61
C VAL B 65 -8.88 15.61 -5.00
N TYR B 66 -8.39 14.47 -5.48
CA TYR B 66 -8.77 13.18 -4.95
C TYR B 66 -7.57 12.53 -4.27
N ALA B 67 -7.82 11.92 -3.13
CA ALA B 67 -6.80 11.18 -2.38
C ALA B 67 -7.17 9.71 -2.40
N ASP B 68 -6.37 8.90 -3.09
CA ASP B 68 -6.56 7.45 -3.16
C ASP B 68 -5.46 6.75 -2.38
N SER B 69 -5.85 5.75 -1.60
CA SER B 69 -4.91 5.04 -0.73
C SER B 69 -5.17 3.55 -0.79
N PHE B 70 -4.09 2.77 -0.74
CA PHE B 70 -4.18 1.32 -0.80
C PHE B 70 -2.84 0.73 -0.34
N VAL B 71 -2.77 -0.59 -0.27
CA VAL B 71 -1.57 -1.32 0.13
C VAL B 71 -1.18 -2.27 -1.00
N ILE B 72 0.09 -2.20 -1.40
CA ILE B 72 0.68 -3.12 -2.36
C ILE B 72 2.05 -3.53 -1.84
N ARG B 73 2.77 -4.33 -2.62
CA ARG B 73 4.13 -4.70 -2.27
C ARG B 73 5.13 -3.85 -3.04
N GLY B 74 6.34 -3.74 -2.48
CA GLY B 74 7.32 -2.81 -3.03
C GLY B 74 7.68 -3.08 -4.47
N ASP B 75 7.72 -4.36 -4.85
CA ASP B 75 8.04 -4.72 -6.22
C ASP B 75 7.03 -4.16 -7.22
N GLU B 76 5.83 -3.78 -6.75
CA GLU B 76 4.76 -3.32 -7.63
C GLU B 76 4.51 -1.83 -7.54
N VAL B 77 5.35 -1.09 -6.81
CA VAL B 77 5.19 0.36 -6.73
C VAL B 77 5.43 1.01 -8.09
N ARG B 78 6.29 0.40 -8.91
CA ARG B 78 6.57 0.93 -10.25
C ARG B 78 5.30 1.01 -11.09
N GLN B 79 4.33 0.14 -10.83
CA GLN B 79 3.13 0.08 -11.66
C GLN B 79 2.19 1.25 -11.40
N ILE B 80 2.33 1.94 -10.27
CA ILE B 80 1.45 3.08 -9.96
C ILE B 80 2.08 4.29 -10.63
N ALA B 81 1.80 4.43 -11.93
CA ALA B 81 2.40 5.45 -12.78
C ALA B 81 1.73 5.41 -14.14
N PRO B 82 1.75 6.53 -14.89
CA PRO B 82 1.11 6.52 -16.21
C PRO B 82 1.85 5.62 -17.18
N GLY B 83 1.08 4.95 -18.04
CA GLY B 83 1.64 4.09 -19.06
C GLY B 83 2.18 2.77 -18.58
N GLN B 84 2.17 2.50 -17.28
CA GLN B 84 2.66 1.25 -16.75
C GLN B 84 1.59 0.17 -16.85
N THR B 85 2.03 -1.07 -17.08
CA THR B 85 1.15 -2.22 -17.11
C THR B 85 1.65 -3.27 -16.12
N GLY B 86 0.76 -4.16 -15.76
CA GLY B 86 1.04 -5.19 -14.79
C GLY B 86 -0.23 -5.62 -14.10
N LYS B 87 -0.09 -6.61 -13.21
CA LYS B 87 -1.25 -7.18 -12.53
C LYS B 87 -2.03 -6.11 -11.78
N ILE B 88 -1.34 -5.15 -11.16
CA ILE B 88 -2.03 -4.12 -10.40
C ILE B 88 -2.61 -3.06 -11.32
N ALA B 89 -1.81 -2.57 -12.26
CA ALA B 89 -2.28 -1.53 -13.17
C ALA B 89 -3.42 -2.03 -14.04
N ASP B 90 -3.43 -3.30 -14.39
CA ASP B 90 -4.45 -3.83 -15.28
C ASP B 90 -5.71 -4.26 -14.56
N TYR B 91 -5.60 -4.78 -13.33
CA TYR B 91 -6.74 -5.36 -12.65
C TYR B 91 -7.10 -4.66 -11.34
N ASN B 92 -6.22 -3.84 -10.77
CA ASN B 92 -6.45 -3.29 -9.44
C ASN B 92 -6.58 -1.78 -9.41
N TYR B 93 -5.60 -1.05 -9.94
CA TYR B 93 -5.61 0.41 -9.88
C TYR B 93 -4.83 0.95 -11.07
N LYS B 94 -5.53 1.70 -11.93
CA LYS B 94 -4.98 2.15 -13.21
C LYS B 94 -4.99 3.67 -13.27
N LEU B 95 -3.80 4.27 -13.37
CA LEU B 95 -3.69 5.69 -13.67
C LEU B 95 -3.82 5.92 -15.18
N PRO B 96 -4.41 7.03 -15.59
CA PRO B 96 -4.51 7.33 -17.02
C PRO B 96 -3.17 7.78 -17.59
N ASP B 97 -3.05 7.65 -18.91
CA ASP B 97 -1.86 8.13 -19.60
C ASP B 97 -1.72 9.64 -19.48
N ASP B 98 -2.83 10.36 -19.45
CA ASP B 98 -2.82 11.81 -19.23
C ASP B 98 -3.10 12.09 -17.76
N PHE B 99 -2.13 11.73 -16.91
CA PHE B 99 -2.26 11.84 -15.48
C PHE B 99 -1.57 13.10 -14.98
N THR B 100 -2.26 13.85 -14.12
CA THR B 100 -1.68 15.01 -13.44
C THR B 100 -1.91 14.83 -11.94
N GLY B 101 -0.84 14.53 -11.21
CA GLY B 101 -0.95 14.32 -9.78
C GLY B 101 0.35 13.75 -9.24
N CYS B 102 0.27 13.25 -8.00
CA CYS B 102 1.45 12.75 -7.31
C CYS B 102 1.20 11.34 -6.79
N VAL B 103 2.26 10.55 -6.77
CA VAL B 103 2.23 9.20 -6.23
C VAL B 103 3.22 9.14 -5.07
N ILE B 104 2.70 8.85 -3.88
CA ILE B 104 3.49 8.83 -2.66
C ILE B 104 3.37 7.45 -2.03
N ALA B 105 4.50 6.84 -1.69
CA ALA B 105 4.52 5.51 -1.10
C ALA B 105 5.59 5.45 -0.03
N TRP B 106 5.35 4.59 0.97
CA TRP B 106 6.34 4.37 2.02
C TRP B 106 6.23 2.93 2.52
N ASN B 107 7.35 2.44 3.06
CA ASN B 107 7.40 1.08 3.57
C ASN B 107 6.59 0.96 4.86
N SER B 108 5.68 0.00 4.89
CA SER B 108 4.81 -0.19 6.05
C SER B 108 5.00 -1.58 6.65
N ASN B 109 6.24 -2.06 6.66
CA ASN B 109 6.51 -3.41 7.17
C ASN B 109 6.18 -3.53 8.66
N ASN B 110 6.42 -2.46 9.43
CA ASN B 110 6.16 -2.49 10.86
C ASN B 110 4.67 -2.55 11.19
N LEU B 111 3.81 -2.11 10.27
CA LEU B 111 2.37 -2.06 10.50
C LEU B 111 1.61 -3.21 9.85
N ASP B 112 2.02 -3.64 8.66
CA ASP B 112 1.23 -4.56 7.86
C ASP B 112 1.87 -5.93 7.71
N SER B 113 2.88 -6.25 8.52
CA SER B 113 3.52 -7.55 8.49
C SER B 113 3.37 -8.21 9.86
N LYS B 114 2.94 -9.46 9.87
CA LYS B 114 2.88 -10.28 11.07
C LYS B 114 3.94 -11.38 11.00
N VAL B 115 4.44 -11.78 12.16
CA VAL B 115 5.27 -12.98 12.22
C VAL B 115 4.41 -14.17 11.82
N GLY B 116 4.94 -15.00 10.93
CA GLY B 116 4.15 -16.05 10.33
C GLY B 116 3.33 -15.62 9.14
N GLY B 117 3.33 -14.32 8.80
CA GLY B 117 2.67 -13.83 7.60
C GLY B 117 1.31 -13.21 7.81
N ASN B 118 1.10 -12.04 7.22
CA ASN B 118 -0.21 -11.39 7.19
C ASN B 118 -0.80 -11.62 5.80
N TYR B 119 -1.94 -12.31 5.76
CA TYR B 119 -2.60 -12.69 4.52
C TYR B 119 -3.96 -11.99 4.36
N ASN B 120 -4.13 -10.83 5.00
CA ASN B 120 -5.41 -10.14 4.97
C ASN B 120 -5.54 -9.16 3.81
N TYR B 121 -4.43 -8.70 3.24
CA TYR B 121 -4.47 -7.82 2.08
C TYR B 121 -4.55 -8.66 0.81
N LEU B 122 -5.53 -8.35 -0.04
CA LEU B 122 -5.72 -9.09 -1.28
C LEU B 122 -5.42 -8.21 -2.48
N TYR B 123 -5.35 -8.85 -3.64
CA TYR B 123 -5.25 -8.16 -4.92
C TYR B 123 -5.93 -9.02 -5.96
N ARG B 124 -6.53 -8.36 -6.96
CA ARG B 124 -7.19 -9.09 -8.03
C ARG B 124 -6.17 -9.65 -9.00
N LEU B 125 -6.24 -10.96 -9.25
CA LEU B 125 -5.28 -11.64 -10.10
C LEU B 125 -5.83 -11.94 -11.48
N PHE B 126 -7.15 -12.11 -11.62
CA PHE B 126 -7.78 -12.46 -12.88
C PHE B 126 -8.90 -11.49 -13.20
N ARG B 127 -8.91 -10.98 -14.43
CA ARG B 127 -10.02 -10.18 -14.92
C ARG B 127 -10.12 -10.37 -16.43
N LYS B 128 -11.35 -10.23 -16.94
CA LYS B 128 -11.57 -10.40 -18.38
C LYS B 128 -10.90 -9.31 -19.18
N SER B 129 -11.14 -8.05 -18.83
N SER B 129 -11.15 -8.05 -18.83
CA SER B 129 -10.57 -6.90 -19.52
CA SER B 129 -10.56 -6.90 -19.51
C SER B 129 -9.76 -6.07 -18.52
C SER B 129 -9.77 -6.06 -18.52
N ASN B 130 -8.93 -5.18 -19.06
CA ASN B 130 -8.10 -4.32 -18.25
C ASN B 130 -8.94 -3.19 -17.64
N LEU B 131 -8.57 -2.81 -16.42
CA LEU B 131 -9.32 -1.81 -15.67
C LEU B 131 -9.18 -0.44 -16.33
N LYS B 132 -10.30 0.26 -16.49
CA LYS B 132 -10.28 1.62 -16.99
C LYS B 132 -9.65 2.54 -15.95
N PRO B 133 -9.10 3.68 -16.37
CA PRO B 133 -8.43 4.57 -15.43
C PRO B 133 -9.36 5.02 -14.31
N PHE B 134 -8.88 4.85 -13.07
CA PHE B 134 -9.57 5.23 -11.84
C PHE B 134 -10.81 4.40 -11.56
N GLU B 135 -11.02 3.32 -12.31
CA GLU B 135 -12.09 2.38 -12.00
C GLU B 135 -11.69 1.49 -10.85
N ARG B 136 -12.68 1.07 -10.07
CA ARG B 136 -12.48 0.11 -9.00
C ARG B 136 -13.41 -1.07 -9.20
N ASP B 137 -12.85 -2.27 -9.09
CA ASP B 137 -13.61 -3.51 -9.26
C ASP B 137 -13.76 -4.18 -7.90
N ILE B 138 -15.02 -4.34 -7.48
CA ILE B 138 -15.32 -4.92 -6.17
C ILE B 138 -15.80 -6.37 -6.26
N SER B 139 -16.36 -6.78 -7.40
CA SER B 139 -16.99 -8.09 -7.52
C SER B 139 -16.04 -9.22 -7.16
N THR B 140 -16.61 -10.33 -6.68
CA THR B 140 -15.86 -11.52 -6.29
C THR B 140 -16.30 -12.75 -7.06
N GLU B 141 -16.91 -12.57 -8.23
CA GLU B 141 -17.42 -13.70 -8.99
C GLU B 141 -16.28 -14.55 -9.53
N ILE B 142 -16.55 -15.85 -9.66
CA ILE B 142 -15.54 -16.80 -10.12
C ILE B 142 -15.11 -16.47 -11.54
N TYR B 143 -13.81 -16.36 -11.74
CA TYR B 143 -13.25 -16.04 -13.05
C TYR B 143 -13.34 -17.26 -13.96
N GLN B 144 -14.03 -17.11 -15.09
CA GLN B 144 -14.17 -18.18 -16.08
C GLN B 144 -12.84 -18.30 -16.83
N ALA B 145 -11.97 -19.18 -16.34
CA ALA B 145 -10.61 -19.24 -16.86
C ALA B 145 -10.54 -19.93 -18.22
N GLY B 146 -11.16 -21.10 -18.33
CA GLY B 146 -11.03 -21.89 -19.55
C GLY B 146 -12.30 -21.98 -20.37
N SER B 147 -12.45 -23.10 -21.08
CA SER B 147 -13.61 -23.27 -21.95
CA SER B 147 -13.61 -23.27 -21.95
C SER B 147 -14.87 -23.57 -21.15
N THR B 148 -14.80 -24.52 -20.23
CA THR B 148 -15.99 -24.91 -19.47
C THR B 148 -16.42 -23.78 -18.54
N PRO B 149 -17.70 -23.38 -18.57
CA PRO B 149 -18.15 -22.28 -17.72
C PRO B 149 -18.19 -22.71 -16.25
N CYS B 150 -18.45 -21.72 -15.40
CA CYS B 150 -18.45 -21.91 -13.96
C CYS B 150 -19.76 -21.42 -13.37
N ASN B 151 -20.43 -22.27 -12.61
CA ASN B 151 -21.67 -21.90 -11.92
C ASN B 151 -21.36 -21.54 -10.46
N GLY B 152 -20.56 -20.49 -10.30
CA GLY B 152 -20.18 -20.04 -8.96
C GLY B 152 -19.41 -21.06 -8.16
N VAL B 153 -18.65 -21.92 -8.82
CA VAL B 153 -17.90 -22.99 -8.17
C VAL B 153 -16.42 -22.80 -8.47
N GLU B 154 -15.58 -22.92 -7.45
CA GLU B 154 -14.13 -22.88 -7.63
C GLU B 154 -13.61 -24.28 -7.89
N GLY B 155 -12.72 -24.41 -8.88
CA GLY B 155 -12.22 -25.70 -9.26
C GLY B 155 -11.32 -25.64 -10.48
N PHE B 156 -11.53 -26.54 -11.43
CA PHE B 156 -10.72 -26.57 -12.65
C PHE B 156 -11.23 -25.53 -13.63
N ASN B 157 -10.31 -24.71 -14.13
CA ASN B 157 -10.62 -23.58 -15.02
C ASN B 157 -11.63 -22.62 -14.42
N CYS B 158 -11.73 -22.61 -13.09
CA CYS B 158 -12.67 -21.74 -12.36
C CYS B 158 -11.94 -21.27 -11.10
N TYR B 159 -11.33 -20.10 -11.18
CA TYR B 159 -10.47 -19.58 -10.12
C TYR B 159 -11.18 -18.46 -9.37
N PHE B 160 -10.81 -18.30 -8.10
CA PHE B 160 -11.24 -17.13 -7.36
C PHE B 160 -10.43 -15.93 -7.81
N PRO B 161 -11.06 -14.81 -8.16
CA PRO B 161 -10.32 -13.72 -8.80
C PRO B 161 -9.31 -13.04 -7.90
N LEU B 162 -9.48 -13.11 -6.59
CA LEU B 162 -8.61 -12.41 -5.65
C LEU B 162 -7.53 -13.36 -5.12
N GLN B 163 -6.39 -12.77 -4.79
CA GLN B 163 -5.26 -13.51 -4.23
C GLN B 163 -4.66 -12.68 -3.11
N SER B 164 -4.24 -13.35 -2.04
CA SER B 164 -3.69 -12.69 -0.87
C SER B 164 -2.19 -12.48 -1.00
N TYR B 165 -1.70 -11.41 -0.38
CA TYR B 165 -0.28 -11.25 -0.15
C TYR B 165 0.15 -12.01 1.09
N GLY B 166 1.38 -12.51 1.08
CA GLY B 166 1.98 -13.00 2.30
C GLY B 166 3.05 -12.04 2.80
N PHE B 167 2.71 -11.23 3.79
CA PHE B 167 3.60 -10.18 4.29
C PHE B 167 4.24 -10.65 5.58
N GLN B 168 5.55 -10.92 5.52
CA GLN B 168 6.32 -11.35 6.68
C GLN B 168 7.47 -10.38 6.92
N PRO B 169 7.82 -10.13 8.19
CA PRO B 169 8.97 -9.25 8.47
C PRO B 169 10.26 -9.71 7.80
N THR B 170 10.45 -11.01 7.63
CA THR B 170 11.67 -11.56 7.06
C THR B 170 11.69 -11.52 5.53
N ASN B 171 10.73 -10.85 4.90
CA ASN B 171 10.70 -10.78 3.44
C ASN B 171 11.69 -9.71 2.95
N GLY B 172 12.20 -9.93 1.75
CA GLY B 172 12.93 -8.87 1.07
C GLY B 172 12.03 -7.68 0.77
N VAL B 173 12.68 -6.55 0.47
CA VAL B 173 11.94 -5.30 0.31
C VAL B 173 10.97 -5.39 -0.87
N GLY B 174 11.25 -6.26 -1.84
CA GLY B 174 10.33 -6.43 -2.95
C GLY B 174 8.99 -7.00 -2.53
N TYR B 175 8.97 -7.79 -1.47
CA TYR B 175 7.73 -8.39 -0.95
C TYR B 175 7.34 -7.80 0.40
N GLN B 176 7.88 -6.65 0.75
CA GLN B 176 7.35 -6.03 1.96
C GLN B 176 6.19 -5.11 1.60
N PRO B 177 5.24 -4.91 2.51
CA PRO B 177 4.06 -4.12 2.18
C PRO B 177 4.39 -2.63 2.09
N TYR B 178 3.78 -1.96 1.13
CA TYR B 178 3.93 -0.52 0.94
C TYR B 178 2.55 0.12 0.91
N ARG B 179 2.38 1.15 1.73
CA ARG B 179 1.19 1.98 1.68
C ARG B 179 1.41 3.10 0.67
N VAL B 180 0.43 3.29 -0.21
CA VAL B 180 0.55 4.24 -1.31
C VAL B 180 -0.60 5.24 -1.21
N VAL B 181 -0.29 6.52 -1.36
CA VAL B 181 -1.28 7.58 -1.49
C VAL B 181 -1.02 8.28 -2.81
N VAL B 182 -2.02 8.30 -3.68
CA VAL B 182 -1.95 9.01 -4.95
C VAL B 182 -2.94 10.17 -4.91
N LEU B 183 -2.43 11.38 -5.12
CA LEU B 183 -3.25 12.58 -5.21
C LEU B 183 -3.41 12.93 -6.69
N SER B 184 -4.64 12.93 -7.17
CA SER B 184 -4.95 13.27 -8.55
C SER B 184 -5.56 14.67 -8.58
N PHE B 185 -4.97 15.55 -9.38
CA PHE B 185 -5.37 16.95 -9.46
C PHE B 185 -6.16 17.20 -10.73
N GLU B 186 -7.25 17.95 -10.61
CA GLU B 186 -8.14 18.26 -11.71
C GLU B 186 -8.27 19.78 -11.82
N LEU B 187 -8.05 20.32 -13.02
CA LEU B 187 -8.08 21.76 -13.24
C LEU B 187 -9.05 22.07 -14.38
N LEU B 188 -10.27 22.48 -14.03
CA LEU B 188 -11.28 22.84 -15.00
C LEU B 188 -11.40 24.37 -15.09
N HIS B 189 -12.26 24.82 -16.01
CA HIS B 189 -12.54 26.26 -16.16
C HIS B 189 -13.65 26.68 -15.18
N ALA B 190 -13.32 26.55 -13.91
CA ALA B 190 -14.24 26.85 -12.82
C ALA B 190 -13.42 27.32 -11.63
N PRO B 191 -14.04 27.99 -10.66
CA PRO B 191 -13.28 28.40 -9.47
C PRO B 191 -12.70 27.20 -8.74
N ALA B 192 -11.42 27.29 -8.41
CA ALA B 192 -10.71 26.19 -7.78
C ALA B 192 -11.07 26.09 -6.30
N THR B 193 -11.14 24.86 -5.80
CA THR B 193 -11.54 24.62 -4.42
C THR B 193 -10.36 24.32 -3.49
N VAL B 194 -9.22 23.89 -4.02
CA VAL B 194 -8.06 23.54 -3.23
C VAL B 194 -6.89 24.39 -3.70
N CYS B 195 -6.29 25.14 -2.78
CA CYS B 195 -5.17 26.02 -3.10
C CYS B 195 -4.04 25.81 -2.10
N GLY B 196 -2.82 26.06 -2.56
CA GLY B 196 -1.68 26.12 -1.68
C GLY B 196 -1.43 27.53 -1.22
N PRO B 197 -0.65 27.69 -0.14
CA PRO B 197 -0.34 29.03 0.39
C PRO B 197 0.74 29.75 -0.41
N ALA C 1 12.26 3.29 -13.80
CA ALA C 1 11.28 3.70 -12.80
C ALA C 1 11.55 3.00 -11.47
N ARG C 2 12.77 2.50 -11.29
CA ARG C 2 13.14 1.78 -10.08
C ARG C 2 14.60 2.02 -9.77
N VAL C 3 14.89 2.35 -8.51
CA VAL C 3 16.26 2.56 -8.05
C VAL C 3 16.78 1.22 -7.52
N ASP C 4 17.77 0.66 -8.22
CA ASP C 4 18.37 -0.62 -7.85
C ASP C 4 19.66 -0.35 -7.10
N GLN C 5 19.60 -0.40 -5.78
CA GLN C 5 20.74 -0.14 -4.92
C GLN C 5 21.36 -1.45 -4.47
N THR C 6 22.67 -1.59 -4.66
CA THR C 6 23.43 -2.77 -4.29
C THR C 6 24.74 -2.34 -3.64
N PRO C 7 25.28 -3.16 -2.72
CA PRO C 7 24.69 -4.41 -2.22
C PRO C 7 23.62 -4.14 -1.16
N ARG C 8 22.76 -5.12 -0.91
CA ARG C 8 21.80 -4.95 0.18
C ARG C 8 22.46 -5.10 1.54
N SER C 9 23.59 -5.81 1.61
CA SER C 9 24.29 -6.03 2.86
C SER C 9 25.78 -6.18 2.59
N VAL C 10 26.60 -5.65 3.49
CA VAL C 10 28.05 -5.78 3.40
C VAL C 10 28.62 -5.75 4.80
N THR C 11 29.62 -6.60 5.04
CA THR C 11 30.33 -6.66 6.30
C THR C 11 31.83 -6.64 6.02
N LYS C 12 32.53 -5.67 6.59
CA LYS C 12 33.97 -5.53 6.38
C LYS C 12 34.65 -5.18 7.69
N GLU C 13 35.91 -5.60 7.82
CA GLU C 13 36.68 -5.28 9.00
C GLU C 13 37.17 -3.84 8.96
N THR C 14 37.52 -3.32 10.15
CA THR C 14 37.88 -1.92 10.28
C THR C 14 39.20 -1.64 9.56
N GLY C 15 39.16 -0.73 8.59
CA GLY C 15 40.36 -0.30 7.90
C GLY C 15 40.28 -0.27 6.39
N GLU C 16 39.55 -1.20 5.78
CA GLU C 16 39.48 -1.29 4.33
C GLU C 16 38.41 -0.33 3.82
N SER C 17 38.05 -0.47 2.54
CA SER C 17 37.09 0.42 1.91
C SER C 17 35.90 -0.37 1.37
N LEU C 18 34.84 0.36 1.04
CA LEU C 18 33.65 -0.24 0.47
C LEU C 18 32.98 0.76 -0.47
N THR C 19 32.15 0.25 -1.37
CA THR C 19 31.48 1.07 -2.38
C THR C 19 30.01 0.66 -2.45
N ILE C 20 29.12 1.64 -2.41
CA ILE C 20 27.69 1.43 -2.54
C ILE C 20 27.27 1.95 -3.91
N ASN C 21 26.45 1.18 -4.62
CA ASN C 21 26.00 1.52 -5.96
C ASN C 21 24.48 1.52 -6.00
N CYS C 22 23.92 2.50 -6.72
CA CYS C 22 22.49 2.50 -6.98
C CYS C 22 22.26 3.14 -8.33
N VAL C 23 21.58 2.42 -9.23
CA VAL C 23 21.35 2.87 -10.60
C VAL C 23 19.85 2.84 -10.89
N LEU C 24 19.43 3.68 -11.83
CA LEU C 24 18.03 3.75 -12.24
C LEU C 24 17.83 2.86 -13.45
N ARG C 25 16.89 1.93 -13.35
CA ARG C 25 16.70 0.90 -14.37
C ARG C 25 15.50 1.23 -15.24
N ASP C 26 15.67 1.14 -16.56
CA ASP C 26 14.61 1.34 -17.54
C ASP C 26 14.00 2.73 -17.41
N SER C 27 14.81 3.75 -17.67
CA SER C 27 14.38 5.13 -17.57
C SER C 27 14.82 5.92 -18.80
N ASN C 28 13.94 6.82 -19.25
CA ASN C 28 14.26 7.77 -20.31
C ASN C 28 14.12 9.20 -19.83
N CYS C 29 14.13 9.42 -18.52
CA CYS C 29 13.85 10.72 -17.93
C CYS C 29 15.12 11.32 -17.35
N ALA C 30 15.23 12.64 -17.44
CA ALA C 30 16.39 13.34 -16.92
C ALA C 30 16.42 13.29 -15.40
N LEU C 31 17.62 13.13 -14.85
CA LEU C 31 17.84 13.14 -13.41
C LEU C 31 18.62 14.39 -13.02
N SER C 32 18.18 15.05 -11.95
CA SER C 32 18.82 16.29 -11.52
C SER C 32 20.01 16.01 -10.60
N SER C 33 19.79 15.27 -9.51
CA SER C 33 20.86 15.01 -8.56
C SER C 33 20.52 13.76 -7.75
N THR C 34 21.49 13.34 -6.94
CA THR C 34 21.33 12.18 -6.06
C THR C 34 22.07 12.45 -4.76
N HIS C 35 21.36 12.30 -3.64
CA HIS C 35 21.94 12.49 -2.32
C HIS C 35 22.13 11.13 -1.63
N TRP C 36 22.98 11.13 -0.61
CA TRP C 36 23.26 9.94 0.18
C TRP C 36 22.92 10.21 1.63
N TYR C 37 22.21 9.27 2.26
CA TYR C 37 21.78 9.40 3.64
C TYR C 37 22.20 8.16 4.42
N ARG C 38 22.58 8.37 5.68
CA ARG C 38 23.01 7.30 6.56
C ARG C 38 22.17 7.31 7.82
N LYS C 39 21.61 6.15 8.16
CA LYS C 39 20.93 5.93 9.43
C LYS C 39 21.80 5.03 10.29
N LYS C 40 22.37 5.59 11.35
CA LYS C 40 23.27 4.83 12.20
C LYS C 40 22.53 3.68 12.87
N SER C 41 23.27 2.61 13.15
CA SER C 41 22.69 1.44 13.80
C SER C 41 22.20 1.79 15.20
N GLY C 42 20.88 1.78 15.40
CA GLY C 42 20.28 2.17 16.64
C GLY C 42 19.52 3.48 16.61
N SER C 43 19.66 4.27 15.54
CA SER C 43 18.96 5.54 15.40
C SER C 43 17.71 5.34 14.53
N THR C 44 16.91 6.41 14.41
CA THR C 44 15.80 6.39 13.46
C THR C 44 15.74 7.62 12.55
N ASN C 45 16.68 8.57 12.68
CA ASN C 45 16.79 9.71 11.77
C ASN C 45 17.99 9.56 10.84
N GLU C 46 17.81 9.99 9.59
CA GLU C 46 18.88 9.95 8.60
C GLU C 46 19.71 11.22 8.61
N GLU C 47 20.99 11.08 8.25
CA GLU C 47 21.90 12.21 8.16
C GLU C 47 22.39 12.33 6.72
N ARG C 48 22.41 13.57 6.22
CA ARG C 48 22.92 13.82 4.87
C ARG C 48 24.43 13.62 4.85
N ILE C 49 24.91 12.82 3.91
CA ILE C 49 26.35 12.57 3.75
C ILE C 49 26.94 13.80 3.06
N LEU C 50 27.52 14.69 3.85
CA LEU C 50 28.09 15.94 3.35
C LEU C 50 29.52 15.72 2.91
N GLN C 51 30.24 16.82 2.67
CA GLN C 51 31.64 16.73 2.27
C GLN C 51 32.45 16.00 3.32
N GLY C 52 33.38 15.16 2.87
CA GLY C 52 34.18 14.37 3.79
C GLY C 52 35.46 13.92 3.16
N ARG C 53 36.49 13.78 3.98
CA ARG C 53 37.78 13.28 3.50
C ARG C 53 37.69 11.82 3.07
N ARG C 54 36.91 11.02 3.81
CA ARG C 54 36.78 9.59 3.54
C ARG C 54 35.56 9.26 2.68
N TYR C 55 34.82 10.26 2.22
CA TYR C 55 33.64 10.05 1.38
C TYR C 55 33.89 10.51 -0.03
N VAL C 56 33.47 9.71 -1.01
CA VAL C 56 33.59 10.04 -2.43
C VAL C 56 32.27 9.70 -3.09
N GLU C 57 31.64 10.70 -3.69
CA GLU C 57 30.38 10.54 -4.42
C GLU C 57 30.63 10.73 -5.90
N THR C 58 30.32 9.71 -6.70
CA THR C 58 30.59 9.70 -8.12
C THR C 58 29.28 9.58 -8.91
N VAL C 59 29.20 10.31 -10.02
CA VAL C 59 28.02 10.33 -10.87
C VAL C 59 28.44 10.02 -12.30
N ASN C 60 27.75 9.08 -12.93
CA ASN C 60 27.79 8.88 -14.38
C ASN C 60 26.40 9.23 -14.90
N SER C 61 26.25 10.47 -15.38
CA SER C 61 24.93 11.00 -15.71
C SER C 61 24.28 10.21 -16.84
N GLY C 62 25.00 10.05 -17.95
CA GLY C 62 24.47 9.27 -19.07
C GLY C 62 24.16 7.83 -18.75
N SER C 63 24.70 7.32 -17.63
CA SER C 63 24.48 5.95 -17.21
C SER C 63 23.32 5.83 -16.22
N LYS C 64 22.84 6.94 -15.67
CA LYS C 64 21.90 6.93 -14.55
C LYS C 64 22.44 6.07 -13.40
N SER C 65 23.75 6.19 -13.17
CA SER C 65 24.46 5.41 -12.18
C SER C 65 25.10 6.34 -11.16
N PHE C 66 24.92 6.03 -9.88
CA PHE C 66 25.48 6.83 -8.80
C PHE C 66 26.13 5.89 -7.78
N SER C 67 27.31 6.28 -7.30
CA SER C 67 28.06 5.45 -6.37
C SER C 67 28.56 6.28 -5.21
N LEU C 68 28.74 5.61 -4.07
CA LEU C 68 29.31 6.20 -2.86
C LEU C 68 30.42 5.28 -2.36
N ARG C 69 31.61 5.83 -2.19
CA ARG C 69 32.77 5.06 -1.74
C ARG C 69 33.30 5.65 -0.44
N ILE C 70 33.52 4.78 0.54
CA ILE C 70 34.00 5.18 1.86
C ILE C 70 35.34 4.49 2.11
N ASN C 71 36.38 5.28 2.27
CA ASN C 71 37.72 4.77 2.54
C ASN C 71 38.05 4.88 4.02
N ASP C 72 38.98 4.03 4.45
CA ASP C 72 39.42 3.95 5.86
C ASP C 72 38.21 3.72 6.77
N LEU C 73 37.62 2.54 6.60
CA LEU C 73 36.42 2.18 7.34
C LEU C 73 36.66 2.21 8.84
N ARG C 74 35.65 2.69 9.56
CA ARG C 74 35.65 2.73 11.01
C ARG C 74 34.30 2.23 11.50
N VAL C 75 34.21 1.96 12.80
CA VAL C 75 32.95 1.46 13.36
C VAL C 75 31.88 2.56 13.38
N GLU C 76 32.30 3.83 13.33
CA GLU C 76 31.33 4.93 13.30
C GLU C 76 30.54 4.95 12.00
N ASP C 77 31.00 4.27 10.96
CA ASP C 77 30.30 4.22 9.69
C ASP C 77 29.27 3.10 9.61
N SER C 78 29.19 2.24 10.63
CA SER C 78 28.23 1.15 10.62
C SER C 78 26.80 1.69 10.65
N GLY C 79 25.94 1.12 9.82
CA GLY C 79 24.56 1.57 9.76
C GLY C 79 23.93 1.15 8.43
N THR C 80 22.95 1.93 8.00
CA THR C 80 22.26 1.72 6.74
C THR C 80 22.36 2.99 5.90
N TYR C 81 22.84 2.84 4.66
CA TYR C 81 22.98 3.94 3.72
C TYR C 81 21.93 3.82 2.63
N ARG C 82 21.29 4.95 2.31
CA ARG C 82 20.32 5.02 1.23
C ARG C 82 20.70 6.13 0.27
N CYS C 83 20.55 5.87 -1.02
CA CYS C 83 20.68 6.92 -2.02
C CYS C 83 19.30 7.49 -2.32
N LYS C 84 19.25 8.79 -2.62
CA LYS C 84 18.01 9.49 -2.91
C LYS C 84 18.17 10.23 -4.22
N VAL C 85 17.55 9.72 -5.28
CA VAL C 85 17.69 10.29 -6.61
C VAL C 85 16.59 11.31 -6.85
N TYR C 86 16.97 12.44 -7.45
CA TYR C 86 16.04 13.50 -7.79
C TYR C 86 15.87 13.59 -9.30
N TRP C 87 14.63 13.74 -9.75
CA TRP C 87 14.32 13.83 -11.16
C TRP C 87 14.41 15.28 -11.64
N GLY C 88 14.91 15.45 -12.86
CA GLY C 88 14.88 16.73 -13.52
C GLY C 88 13.60 16.92 -14.31
N ASN C 89 13.51 18.04 -15.01
CA ASN C 89 12.34 18.37 -15.82
C ASN C 89 12.58 17.86 -17.24
N SER C 90 12.10 16.66 -17.52
CA SER C 90 12.16 16.09 -18.87
C SER C 90 11.07 16.74 -19.71
N TRP C 91 11.46 17.63 -20.62
CA TRP C 91 10.49 18.41 -21.38
C TRP C 91 9.67 17.51 -22.31
N GLN C 92 8.42 17.90 -22.52
CA GLN C 92 7.51 17.28 -23.48
C GLN C 92 7.46 15.76 -23.31
N ASP C 93 7.25 15.32 -22.07
CA ASP C 93 7.16 13.89 -21.77
C ASP C 93 6.16 13.70 -20.64
N LYS C 94 5.00 13.13 -20.96
CA LYS C 94 3.95 12.95 -19.97
C LYS C 94 4.34 11.91 -18.93
N PHE C 95 4.95 10.81 -19.36
CA PHE C 95 5.26 9.68 -18.48
C PHE C 95 6.44 9.95 -17.56
N CYS C 96 7.11 11.10 -17.69
CA CYS C 96 8.20 11.31 -16.75
C CYS C 96 7.73 12.07 -15.52
N PRO C 97 8.32 11.79 -14.36
CA PRO C 97 7.98 12.58 -13.17
C PRO C 97 8.56 13.98 -13.24
N GLY C 98 7.87 14.91 -12.59
CA GLY C 98 8.27 16.31 -12.64
C GLY C 98 9.57 16.59 -11.93
N LEU C 99 10.06 17.81 -12.11
CA LEU C 99 11.28 18.26 -11.45
C LEU C 99 11.10 18.23 -9.94
N GLY C 100 12.03 17.59 -9.25
CA GLY C 100 11.99 17.50 -7.80
C GLY C 100 11.42 16.20 -7.27
N SER C 101 10.73 15.43 -8.11
CA SER C 101 10.29 14.10 -7.69
C SER C 101 11.50 13.25 -7.31
N TYR C 102 11.31 12.38 -6.31
CA TYR C 102 12.44 11.62 -5.80
C TYR C 102 12.01 10.19 -5.48
N GLU C 103 13.02 9.33 -5.34
CA GLU C 103 12.84 7.95 -4.93
C GLU C 103 14.06 7.53 -4.14
N TYR C 104 13.83 6.84 -3.03
CA TYR C 104 14.91 6.30 -2.21
C TYR C 104 15.30 4.90 -2.69
N GLY C 105 16.59 4.59 -2.57
CA GLY C 105 17.02 3.23 -2.78
C GLY C 105 16.54 2.31 -1.68
N ASP C 106 16.63 1.00 -1.95
CA ASP C 106 16.17 0.03 -0.96
C ASP C 106 17.00 0.07 0.31
N GLY C 107 18.24 0.52 0.25
CA GLY C 107 19.09 0.62 1.42
C GLY C 107 20.20 -0.42 1.42
N THR C 108 21.23 -0.12 2.20
CA THR C 108 22.41 -0.97 2.31
C THR C 108 22.83 -1.03 3.77
N ALA C 109 22.69 -2.20 4.38
CA ALA C 109 23.15 -2.42 5.75
C ALA C 109 24.63 -2.75 5.71
N VAL C 110 25.45 -1.86 6.27
CA VAL C 110 26.91 -2.05 6.33
C VAL C 110 27.31 -2.29 7.77
N THR C 111 28.13 -3.32 7.99
CA THR C 111 28.64 -3.66 9.31
C THR C 111 30.17 -3.58 9.28
N VAL C 112 30.74 -2.85 10.23
CA VAL C 112 32.19 -2.71 10.34
C VAL C 112 32.60 -3.27 11.69
N ASN C 113 33.30 -4.40 11.67
CA ASN C 113 33.76 -5.02 12.90
C ASN C 113 35.06 -4.35 13.37
N GLY C 114 35.13 -4.03 14.65
CA GLY C 114 36.28 -3.34 15.21
C GLY C 114 37.57 -4.11 15.06
#